data_8A5M
#
_entry.id   8A5M
#
_cell.length_a   40.919
_cell.length_b   112.972
_cell.length_c   53.036
_cell.angle_alpha   90.000
_cell.angle_beta   102.928
_cell.angle_gamma   90.000
#
_symmetry.space_group_name_H-M   'P 1 21 1'
#
loop_
_entity.id
_entity.type
_entity.pdbx_description
1 polymer 'E3 ubiquitin-protein ligase TRIM7'
2 polymer 'MNV1-NS6 peptide LEALEFQ'
3 non-polymer 'PHOSPHATE ION'
4 water water
#
loop_
_entity_poly.entity_id
_entity_poly.type
_entity_poly.pdbx_seq_one_letter_code
_entity_poly.pdbx_strand_id
1 'polypeptide(L)'
;MAHHHHHHMVELTLDPDTANPRLILSLDLKGVRLGERAQDLPNHPCRFDTNTRVLASCGFSSGRHHWEVEVGSKDGWAFG
VARESVRRKGLTPFTPEEGVWALQLNGGQYWAVTSPERSPLSCGHLSRVRVALDLEVGAVSFYAVEDMRHLYTFRVNFQE
RVFPLFSVCSTGTYLRIWP
;
A,B
2 'polypeptide(L)' LEALEFQ C,E
#
# COMPACT_ATOMS: atom_id res chain seq x y z
N MET A 9 2.31 7.46 -20.42
CA MET A 9 2.67 7.08 -19.01
C MET A 9 4.07 7.59 -18.69
N VAL A 10 4.22 8.25 -17.53
CA VAL A 10 5.52 8.77 -16.99
C VAL A 10 5.74 8.06 -15.64
N GLU A 11 6.97 7.60 -15.39
CA GLU A 11 7.43 7.11 -14.07
C GLU A 11 7.81 8.35 -13.25
N LEU A 12 6.85 8.87 -12.47
CA LEU A 12 7.03 10.05 -11.58
C LEU A 12 7.44 9.52 -10.22
N THR A 13 8.16 10.32 -9.43
CA THR A 13 8.43 10.07 -7.99
C THR A 13 8.16 11.34 -7.17
N LEU A 14 7.96 11.17 -5.85
CA LEU A 14 7.72 12.26 -4.86
C LEU A 14 9.06 12.95 -4.53
N ASP A 15 9.03 14.26 -4.36
CA ASP A 15 10.22 15.06 -3.96
C ASP A 15 10.15 15.23 -2.45
N PRO A 16 10.94 14.47 -1.66
CA PRO A 16 10.87 14.53 -0.20
C PRO A 16 11.32 15.88 0.37
N ASP A 17 11.95 16.73 -0.43
CA ASP A 17 12.41 18.07 0.03
C ASP A 17 11.27 19.11 -0.12
N THR A 18 10.16 18.75 -0.78
CA THR A 18 8.94 19.59 -0.92
C THR A 18 7.90 19.22 0.16
N ALA A 19 7.87 17.94 0.54
CA ALA A 19 6.86 17.31 1.44
C ALA A 19 6.74 18.07 2.76
N ASN A 20 5.51 18.34 3.17
CA ASN A 20 5.15 18.64 4.58
C ASN A 20 5.82 17.56 5.46
N PRO A 21 6.40 17.96 6.61
CA PRO A 21 7.00 16.98 7.52
C PRO A 21 5.99 16.04 8.18
N ARG A 22 4.73 16.46 8.28
CA ARG A 22 3.63 15.62 8.84
C ARG A 22 3.32 14.49 7.84
N LEU A 23 3.73 14.60 6.58
CA LEU A 23 3.48 13.52 5.57
C LEU A 23 4.47 12.39 5.80
N ILE A 24 4.12 11.20 5.33
CA ILE A 24 4.99 9.97 5.31
C ILE A 24 5.05 9.44 3.88
N LEU A 25 6.19 9.60 3.22
CA LEU A 25 6.41 9.16 1.82
C LEU A 25 6.85 7.69 1.83
N SER A 26 6.29 6.87 0.95
CA SER A 26 6.65 5.43 0.81
C SER A 26 8.14 5.29 0.43
N LEU A 27 8.73 4.15 0.80
CA LEU A 27 10.16 3.83 0.55
C LEU A 27 10.54 4.20 -0.90
N ASP A 28 9.74 3.75 -1.88
CA ASP A 28 10.00 3.91 -3.33
C ASP A 28 9.63 5.32 -3.83
N LEU A 29 9.08 6.18 -2.95
CA LEU A 29 8.69 7.60 -3.24
C LEU A 29 7.54 7.64 -4.26
N LYS A 30 6.60 6.70 -4.17
CA LYS A 30 5.38 6.63 -5.02
C LYS A 30 4.13 6.91 -4.15
N GLY A 31 4.22 6.62 -2.86
CA GLY A 31 3.08 6.71 -1.94
C GLY A 31 3.23 7.87 -0.97
N VAL A 32 2.11 8.31 -0.42
CA VAL A 32 2.06 9.42 0.57
C VAL A 32 0.79 9.27 1.40
N ARG A 33 0.92 9.55 2.70
CA ARG A 33 -0.24 9.61 3.61
C ARG A 33 0.21 10.35 4.85
N LEU A 34 -0.75 10.89 5.60
CA LEU A 34 -0.49 11.73 6.80
C LEU A 34 -0.01 10.85 7.96
N GLY A 35 1.06 11.27 8.63
CA GLY A 35 1.47 10.73 9.94
C GLY A 35 0.91 11.58 11.05
N GLU A 36 1.11 11.17 12.31
CA GLU A 36 0.50 11.86 13.49
C GLU A 36 1.53 12.79 14.13
N ARG A 37 2.75 12.88 13.58
CA ARG A 37 3.88 13.65 14.17
C ARG A 37 4.61 14.43 13.05
N ALA A 38 5.05 15.66 13.34
CA ALA A 38 6.04 16.38 12.52
C ALA A 38 7.35 15.58 12.57
N GLN A 39 8.19 15.70 11.56
CA GLN A 39 9.54 15.09 11.54
C GLN A 39 10.60 16.20 11.50
N ASP A 40 11.76 15.93 12.10
CA ASP A 40 12.99 16.75 11.89
C ASP A 40 13.38 16.55 10.43
N LEU A 41 13.27 17.61 9.60
CA LEU A 41 13.60 17.61 8.14
C LEU A 41 14.15 18.98 7.76
N PRO A 42 15.25 19.06 6.97
CA PRO A 42 16.02 20.31 6.86
C PRO A 42 15.33 21.45 6.07
N ASN A 43 14.36 22.13 6.70
CA ASN A 43 13.40 23.08 6.06
C ASN A 43 14.11 23.87 4.94
N HIS A 44 13.84 23.52 3.68
CA HIS A 44 14.25 24.29 2.48
C HIS A 44 13.31 25.48 2.34
N PRO A 45 13.56 26.39 1.37
CA PRO A 45 12.57 27.39 0.98
C PRO A 45 11.53 26.83 0.00
N CYS A 46 11.73 25.57 -0.42
CA CYS A 46 10.89 24.84 -1.41
C CYS A 46 9.91 23.89 -0.69
N ARG A 47 10.15 23.57 0.59
CA ARG A 47 9.30 22.62 1.36
C ARG A 47 7.99 23.33 1.76
N PHE A 48 6.89 22.58 1.69
CA PHE A 48 5.52 22.95 2.16
C PHE A 48 5.46 22.81 3.68
N ASP A 49 5.55 23.92 4.39
CA ASP A 49 5.75 23.95 5.88
C ASP A 49 4.42 23.64 6.58
N THR A 50 3.28 24.05 6.03
CA THR A 50 1.95 24.07 6.73
C THR A 50 0.92 23.19 6.01
N ASN A 51 0.73 23.38 4.71
CA ASN A 51 -0.21 22.58 3.90
C ASN A 51 0.41 21.22 3.64
N THR A 52 -0.46 20.22 3.49
CA THR A 52 -0.11 18.79 3.59
C THR A 52 0.27 18.30 2.19
N ARG A 53 1.18 19.03 1.54
CA ARG A 53 1.39 18.92 0.07
C ARG A 53 2.82 18.46 -0.21
N VAL A 54 2.98 17.77 -1.34
CA VAL A 54 4.27 17.29 -1.91
C VAL A 54 4.09 17.33 -3.43
N LEU A 55 5.04 17.90 -4.17
CA LEU A 55 5.07 17.83 -5.65
C LEU A 55 5.84 16.59 -6.07
N ALA A 56 5.72 16.17 -7.33
CA ALA A 56 6.67 15.22 -7.95
C ALA A 56 7.99 15.93 -8.19
N SER A 57 9.07 15.16 -8.29
CA SER A 57 10.45 15.65 -8.56
C SER A 57 10.50 16.26 -9.97
N CYS A 58 9.78 15.64 -10.91
CA CYS A 58 9.81 16.02 -12.35
C CYS A 58 8.64 16.97 -12.65
N GLY A 59 8.91 18.21 -13.11
CA GLY A 59 7.92 19.20 -13.60
C GLY A 59 7.92 19.33 -15.12
N PHE A 60 6.96 20.05 -15.74
CA PHE A 60 6.84 20.12 -17.23
C PHE A 60 6.65 21.54 -17.76
N SER A 61 7.39 21.86 -18.83
CA SER A 61 7.38 23.16 -19.54
C SER A 61 6.43 23.09 -20.75
N SER A 62 6.41 21.94 -21.42
CA SER A 62 5.77 21.70 -22.74
C SER A 62 5.38 20.23 -22.90
N GLY A 63 4.32 19.97 -23.67
CA GLY A 63 3.95 18.63 -24.16
C GLY A 63 2.72 18.05 -23.48
N ARG A 64 2.35 16.81 -23.85
CA ARG A 64 1.34 15.96 -23.15
C ARG A 64 2.13 14.99 -22.27
N HIS A 65 1.64 14.75 -21.04
CA HIS A 65 2.24 13.79 -20.07
C HIS A 65 1.12 13.16 -19.24
N HIS A 66 1.19 11.84 -19.06
CA HIS A 66 0.23 11.01 -18.27
C HIS A 66 0.94 10.53 -17.00
N TRP A 67 0.28 10.63 -15.83
CA TRP A 67 0.56 9.76 -14.65
C TRP A 67 -0.76 9.13 -14.19
N GLU A 68 -0.68 8.00 -13.50
CA GLU A 68 -1.86 7.32 -12.91
C GLU A 68 -1.73 7.41 -11.39
N VAL A 69 -2.86 7.44 -10.70
CA VAL A 69 -2.90 7.66 -9.23
C VAL A 69 -3.94 6.73 -8.59
N GLU A 70 -3.47 5.86 -7.72
CA GLU A 70 -4.33 4.99 -6.87
C GLU A 70 -4.78 5.86 -5.69
N VAL A 71 -6.08 5.99 -5.50
CA VAL A 71 -6.67 6.87 -4.45
C VAL A 71 -7.33 6.00 -3.37
N GLY A 72 -7.45 6.53 -2.15
CA GLY A 72 -8.14 5.89 -1.02
C GLY A 72 -9.65 5.97 -1.17
N SER A 73 -10.36 5.23 -0.32
CA SER A 73 -11.84 5.21 -0.22
C SER A 73 -12.34 6.24 0.80
N LYS A 74 -11.47 6.76 1.66
CA LYS A 74 -11.84 7.74 2.71
C LYS A 74 -11.28 9.14 2.35
N ASP A 75 -12.03 10.18 2.72
CA ASP A 75 -11.65 11.61 2.59
C ASP A 75 -10.23 11.88 3.09
N GLY A 76 -9.63 13.00 2.63
CA GLY A 76 -8.30 13.48 3.02
C GLY A 76 -7.48 13.94 1.82
N TRP A 77 -7.59 13.25 0.68
CA TRP A 77 -6.71 13.48 -0.50
C TRP A 77 -7.34 14.53 -1.43
N ALA A 78 -6.46 15.37 -1.98
CA ALA A 78 -6.65 16.12 -3.23
C ALA A 78 -5.42 15.85 -4.09
N PHE A 79 -5.50 16.02 -5.39
CA PHE A 79 -4.29 15.93 -6.24
C PHE A 79 -4.60 16.50 -7.62
N GLY A 80 -3.55 16.66 -8.42
CA GLY A 80 -3.60 17.20 -9.78
C GLY A 80 -2.25 17.76 -10.12
N VAL A 81 -2.23 19.00 -10.61
CA VAL A 81 -0.98 19.75 -10.93
C VAL A 81 -1.02 21.09 -10.20
N ALA A 82 0.17 21.69 -9.97
CA ALA A 82 0.36 23.09 -9.51
C ALA A 82 1.44 23.79 -10.35
N ARG A 83 1.31 25.10 -10.56
CA ARG A 83 2.37 25.89 -11.23
C ARG A 83 3.52 25.96 -10.21
N GLU A 84 4.76 25.91 -10.69
CA GLU A 84 6.00 25.93 -9.85
C GLU A 84 5.88 27.01 -8.77
N SER A 85 5.32 28.18 -9.10
CA SER A 85 5.27 29.38 -8.23
C SER A 85 4.31 29.23 -7.04
N VAL A 86 3.65 28.07 -6.88
CA VAL A 86 2.65 27.82 -5.78
C VAL A 86 3.35 28.10 -4.45
N ARG A 87 2.75 28.92 -3.60
CA ARG A 87 3.35 29.34 -2.31
C ARG A 87 3.51 28.11 -1.40
N ARG A 88 4.67 28.01 -0.74
CA ARG A 88 5.13 26.85 0.07
C ARG A 88 5.03 27.18 1.57
N LYS A 89 5.21 28.46 1.92
CA LYS A 89 5.39 28.93 3.32
C LYS A 89 4.10 29.57 3.80
N GLY A 90 3.55 29.04 4.89
CA GLY A 90 2.32 29.52 5.52
C GLY A 90 1.12 28.65 5.13
N LEU A 91 0.00 28.94 5.75
CA LEU A 91 -1.30 28.35 5.38
C LEU A 91 -1.71 29.04 4.07
N THR A 92 -2.05 28.24 3.06
CA THR A 92 -2.31 28.69 1.67
C THR A 92 -3.65 28.13 1.22
N PRO A 93 -4.54 28.93 0.60
CA PRO A 93 -5.84 28.43 0.18
C PRO A 93 -5.54 27.44 -0.94
N PHE A 94 -6.45 26.48 -1.11
CA PHE A 94 -6.29 25.35 -2.04
C PHE A 94 -7.24 25.60 -3.21
N THR A 95 -6.81 26.38 -4.21
CA THR A 95 -7.69 27.01 -5.23
C THR A 95 -6.88 27.30 -6.50
N PRO A 96 -7.52 27.42 -7.69
CA PRO A 96 -6.82 27.78 -8.92
C PRO A 96 -6.06 29.12 -8.89
N GLU A 97 -6.54 30.12 -8.14
CA GLU A 97 -5.85 31.44 -8.05
C GLU A 97 -4.49 31.24 -7.36
N GLU A 98 -4.36 30.23 -6.52
CA GLU A 98 -3.13 29.94 -5.75
C GLU A 98 -2.24 28.95 -6.53
N GLY A 99 -2.69 28.50 -7.70
CA GLY A 99 -1.86 27.77 -8.69
C GLY A 99 -2.04 26.27 -8.61
N VAL A 100 -3.27 25.82 -8.38
CA VAL A 100 -3.57 24.43 -7.96
C VAL A 100 -4.90 24.03 -8.60
N TRP A 101 -4.81 23.11 -9.56
CA TRP A 101 -5.94 22.51 -10.31
C TRP A 101 -6.04 21.04 -9.90
N ALA A 102 -7.00 20.68 -9.05
CA ALA A 102 -7.01 19.37 -8.35
C ALA A 102 -8.40 18.74 -8.31
N LEU A 103 -8.41 17.41 -8.10
CA LEU A 103 -9.56 16.59 -7.67
C LEU A 103 -9.46 16.32 -6.17
N GLN A 104 -10.60 16.08 -5.51
CA GLN A 104 -10.70 16.05 -4.03
C GLN A 104 -11.78 15.05 -3.59
N LEU A 105 -11.43 14.17 -2.64
CA LEU A 105 -12.44 13.42 -1.83
C LEU A 105 -12.67 14.18 -0.53
N ASN A 106 -13.93 14.52 -0.28
CA ASN A 106 -14.33 15.22 0.97
C ASN A 106 -15.84 15.03 1.18
N GLY A 107 -16.27 14.61 2.37
CA GLY A 107 -17.68 14.22 2.63
C GLY A 107 -18.15 13.08 1.74
N GLY A 108 -17.27 12.12 1.43
CA GLY A 108 -17.57 10.96 0.58
C GLY A 108 -17.99 11.35 -0.84
N GLN A 109 -17.57 12.53 -1.30
CA GLN A 109 -17.92 13.08 -2.62
C GLN A 109 -16.65 13.53 -3.35
N TYR A 110 -16.60 13.28 -4.66
CA TYR A 110 -15.54 13.77 -5.57
C TYR A 110 -15.88 15.19 -6.07
N TRP A 111 -14.92 16.10 -5.91
CA TRP A 111 -15.00 17.51 -6.36
C TRP A 111 -13.79 17.82 -7.24
N ALA A 112 -14.04 18.49 -8.37
CA ALA A 112 -13.04 19.36 -9.00
C ALA A 112 -12.96 20.59 -8.08
N VAL A 113 -11.75 20.90 -7.60
CA VAL A 113 -11.53 22.04 -6.67
C VAL A 113 -11.36 23.28 -7.54
N THR A 114 -12.51 23.86 -7.89
CA THR A 114 -12.71 25.16 -8.58
C THR A 114 -13.09 26.23 -7.54
N SER A 115 -13.12 27.50 -7.89
CA SER A 115 -13.69 28.57 -7.02
C SER A 115 -14.43 29.59 -7.90
N PRO A 116 -15.42 30.35 -7.38
CA PRO A 116 -15.63 30.52 -5.93
C PRO A 116 -16.18 29.26 -5.25
N GLU A 117 -16.99 28.47 -5.96
CA GLU A 117 -17.66 27.24 -5.47
C GLU A 117 -16.95 26.01 -6.04
N ARG A 118 -16.87 24.92 -5.27
CA ARG A 118 -16.32 23.64 -5.76
C ARG A 118 -17.36 22.96 -6.65
N SER A 119 -16.90 22.22 -7.67
CA SER A 119 -17.76 21.49 -8.62
C SER A 119 -17.82 20.01 -8.23
N PRO A 120 -19.03 19.49 -7.88
CA PRO A 120 -19.21 18.07 -7.54
C PRO A 120 -19.26 17.25 -8.82
N LEU A 121 -18.52 16.13 -8.87
CA LEU A 121 -18.58 15.15 -9.97
C LEU A 121 -19.61 14.09 -9.59
N SER A 122 -20.47 13.67 -10.51
CA SER A 122 -21.31 12.46 -10.32
C SER A 122 -20.60 11.32 -11.07
N CYS A 123 -19.39 11.02 -10.64
CA CYS A 123 -18.61 9.82 -11.02
C CYS A 123 -18.89 8.70 -10.00
N GLY A 124 -18.62 7.44 -10.34
CA GLY A 124 -18.80 6.27 -9.46
C GLY A 124 -17.59 6.09 -8.55
N HIS A 125 -17.60 5.11 -7.64
CA HIS A 125 -16.43 4.85 -6.74
C HIS A 125 -15.17 4.86 -7.59
N LEU A 126 -14.15 5.62 -7.17
CA LEU A 126 -12.85 5.72 -7.87
C LEU A 126 -11.80 4.91 -7.12
N SER A 127 -10.94 4.22 -7.87
CA SER A 127 -9.80 3.42 -7.35
CA SER A 127 -9.80 3.43 -7.35
C SER A 127 -8.49 3.99 -7.90
N ARG A 128 -8.38 4.05 -9.22
CA ARG A 128 -7.18 4.52 -9.95
C ARG A 128 -7.62 5.57 -10.97
N VAL A 129 -6.79 6.61 -11.16
CA VAL A 129 -7.12 7.81 -12.00
C VAL A 129 -5.90 8.21 -12.85
N ARG A 130 -6.14 8.35 -14.16
CA ARG A 130 -5.17 8.84 -15.16
C ARG A 130 -5.27 10.36 -15.22
N VAL A 131 -4.11 11.03 -15.17
CA VAL A 131 -3.94 12.51 -15.23
C VAL A 131 -3.23 12.89 -16.54
N ALA A 132 -3.98 13.49 -17.48
CA ALA A 132 -3.52 13.98 -18.79
C ALA A 132 -3.21 15.47 -18.69
N LEU A 133 -1.92 15.84 -18.72
CA LEU A 133 -1.47 17.26 -18.75
C LEU A 133 -1.07 17.65 -20.19
N ASP A 134 -1.90 18.48 -20.84
CA ASP A 134 -1.69 19.00 -22.21
C ASP A 134 -1.35 20.49 -22.06
N LEU A 135 -0.05 20.79 -22.07
CA LEU A 135 0.50 22.18 -22.04
C LEU A 135 0.34 22.85 -23.41
N GLU A 136 0.47 22.09 -24.50
CA GLU A 136 0.38 22.63 -25.88
C GLU A 136 -1.08 22.99 -26.17
N VAL A 137 -2.05 22.45 -25.43
CA VAL A 137 -3.51 22.76 -25.57
C VAL A 137 -3.92 23.71 -24.43
N GLY A 138 -3.29 23.56 -23.27
CA GLY A 138 -3.56 24.37 -22.07
C GLY A 138 -4.69 23.78 -21.27
N ALA A 139 -4.50 22.55 -20.79
CA ALA A 139 -5.52 21.78 -20.05
C ALA A 139 -4.87 20.66 -19.24
N VAL A 140 -5.43 20.39 -18.05
CA VAL A 140 -5.21 19.15 -17.24
C VAL A 140 -6.56 18.42 -17.16
N SER A 141 -6.56 17.11 -17.44
CA SER A 141 -7.77 16.27 -17.58
C SER A 141 -7.64 15.05 -16.68
N PHE A 142 -8.75 14.56 -16.12
CA PHE A 142 -8.82 13.43 -15.14
C PHE A 142 -9.79 12.36 -15.67
N TYR A 143 -9.30 11.12 -15.83
CA TYR A 143 -10.08 9.95 -16.32
C TYR A 143 -10.00 8.81 -15.29
N ALA A 144 -11.11 8.11 -15.05
CA ALA A 144 -11.12 6.83 -14.31
C ALA A 144 -10.54 5.74 -15.22
N VAL A 145 -9.42 5.10 -14.84
CA VAL A 145 -8.81 3.99 -15.65
C VAL A 145 -9.90 2.94 -15.95
N GLU A 146 -10.80 2.72 -14.99
CA GLU A 146 -11.83 1.65 -14.93
C GLU A 146 -12.56 1.48 -16.28
N ASP A 147 -12.60 2.50 -17.13
CA ASP A 147 -13.15 2.42 -18.52
C ASP A 147 -12.72 3.65 -19.34
N MET A 148 -11.74 4.40 -18.84
CA MET A 148 -11.31 5.75 -19.33
C MET A 148 -12.48 6.75 -19.43
N ARG A 149 -13.51 6.63 -18.59
CA ARG A 149 -14.54 7.67 -18.40
C ARG A 149 -13.79 8.96 -18.03
N HIS A 150 -14.09 10.04 -18.78
CA HIS A 150 -13.66 11.43 -18.50
C HIS A 150 -14.36 11.95 -17.24
N LEU A 151 -13.58 12.38 -16.25
CA LEU A 151 -14.12 12.91 -14.96
C LEU A 151 -14.27 14.43 -15.07
N TYR A 152 -13.21 15.14 -15.42
CA TYR A 152 -13.15 16.61 -15.40
C TYR A 152 -11.91 17.08 -16.18
N THR A 153 -12.06 18.17 -16.93
CA THR A 153 -10.93 18.94 -17.52
C THR A 153 -10.98 20.37 -16.94
N PHE A 154 -9.83 20.87 -16.51
CA PHE A 154 -9.56 22.32 -16.30
C PHE A 154 -8.85 22.81 -17.55
N ARG A 155 -9.43 23.79 -18.25
CA ARG A 155 -8.76 24.56 -19.33
C ARG A 155 -7.95 25.67 -18.64
N VAL A 156 -6.64 25.71 -18.82
CA VAL A 156 -5.71 26.63 -18.10
C VAL A 156 -4.66 27.16 -19.09
N ASN A 157 -4.46 28.47 -19.12
CA ASN A 157 -3.30 29.08 -19.83
C ASN A 157 -2.12 29.13 -18.86
N PHE A 158 -1.46 27.99 -18.70
CA PHE A 158 -0.16 27.84 -18.01
C PHE A 158 0.84 28.78 -18.67
N GLN A 159 1.60 29.51 -17.86
CA GLN A 159 2.64 30.43 -18.35
C GLN A 159 3.94 30.11 -17.60
N GLU A 160 4.13 28.85 -17.22
CA GLU A 160 5.35 28.43 -16.49
C GLU A 160 5.37 26.92 -16.30
N ARG A 161 6.45 26.43 -15.69
CA ARG A 161 6.63 25.00 -15.35
C ARG A 161 5.48 24.60 -14.44
N VAL A 162 4.95 23.41 -14.70
CA VAL A 162 3.78 22.82 -14.00
C VAL A 162 4.23 21.47 -13.46
N PHE A 163 3.97 21.25 -12.16
CA PHE A 163 4.42 20.08 -11.38
C PHE A 163 3.22 19.25 -10.94
N PRO A 164 3.34 17.90 -10.93
CA PRO A 164 2.35 17.04 -10.30
C PRO A 164 2.24 17.35 -8.79
N LEU A 165 1.02 17.39 -8.28
CA LEU A 165 0.74 17.81 -6.87
C LEU A 165 -0.14 16.76 -6.18
N PHE A 166 0.14 16.54 -4.89
CA PHE A 166 -0.53 15.57 -3.99
C PHE A 166 -0.68 16.21 -2.60
N SER A 167 -1.87 16.12 -2.02
CA SER A 167 -2.17 16.58 -0.65
C SER A 167 -2.98 15.50 0.09
N VAL A 168 -2.57 15.18 1.31
CA VAL A 168 -3.30 14.24 2.19
C VAL A 168 -3.41 14.91 3.56
N CYS A 169 -4.60 15.33 3.93
CA CYS A 169 -4.83 16.15 5.14
C CYS A 169 -5.67 15.41 6.19
N SER A 170 -5.92 14.11 6.00
CA SER A 170 -6.44 13.21 7.07
C SER A 170 -5.64 11.91 7.06
N THR A 171 -5.46 11.30 8.23
CA THR A 171 -5.00 9.88 8.31
C THR A 171 -6.13 9.00 7.76
N GLY A 172 -5.84 7.71 7.57
CA GLY A 172 -6.82 6.73 7.10
C GLY A 172 -6.98 6.71 5.59
N THR A 173 -6.21 7.51 4.86
CA THR A 173 -6.27 7.56 3.36
C THR A 173 -4.87 7.84 2.81
N TYR A 174 -4.72 7.79 1.49
CA TYR A 174 -3.41 7.84 0.79
C TYR A 174 -3.58 8.13 -0.71
N LEU A 175 -2.45 8.41 -1.36
CA LEU A 175 -2.31 8.42 -2.84
C LEU A 175 -1.03 7.66 -3.23
N ARG A 176 -1.12 6.85 -4.27
CA ARG A 176 0.00 6.05 -4.81
C ARG A 176 0.11 6.34 -6.32
N ILE A 177 1.25 6.85 -6.77
CA ILE A 177 1.61 6.94 -8.21
C ILE A 177 1.65 5.52 -8.79
N TRP A 178 0.99 5.28 -9.93
CA TRP A 178 1.33 4.18 -10.87
C TRP A 178 1.66 4.78 -12.24
N PRO A 179 2.59 4.18 -13.01
CA PRO A 179 3.36 3.03 -12.57
C PRO A 179 4.58 3.49 -11.74
N GLU B 11 0.50 -3.97 16.89
CA GLU B 11 1.00 -2.95 15.90
C GLU B 11 2.10 -3.62 15.05
N LEU B 12 1.76 -4.70 14.34
CA LEU B 12 2.70 -5.44 13.45
C LEU B 12 2.75 -4.80 12.07
N THR B 13 3.93 -4.84 11.44
CA THR B 13 4.18 -4.33 10.07
C THR B 13 5.00 -5.37 9.30
N LEU B 14 4.72 -5.51 7.99
CA LEU B 14 5.57 -6.26 7.03
C LEU B 14 6.97 -5.62 6.96
N ASP B 15 8.03 -6.44 6.95
CA ASP B 15 9.44 -6.00 6.78
C ASP B 15 9.77 -5.97 5.28
N PRO B 16 9.61 -4.81 4.59
CA PRO B 16 9.71 -4.75 3.14
C PRO B 16 11.10 -5.09 2.59
N ASP B 17 12.09 -5.26 3.46
CA ASP B 17 13.43 -5.80 3.09
C ASP B 17 13.38 -7.31 2.83
N THR B 18 12.38 -8.02 3.36
CA THR B 18 12.25 -9.49 3.22
C THR B 18 11.37 -9.83 2.01
N ALA B 19 10.52 -8.90 1.59
CA ALA B 19 9.49 -9.10 0.53
C ALA B 19 10.13 -9.54 -0.77
N ASN B 20 9.53 -10.53 -1.44
CA ASN B 20 9.82 -10.84 -2.85
C ASN B 20 9.49 -9.57 -3.64
N PRO B 21 10.35 -9.19 -4.61
CA PRO B 21 10.11 -7.99 -5.39
C PRO B 21 8.88 -8.12 -6.30
N ARG B 22 8.36 -9.34 -6.46
CA ARG B 22 7.12 -9.59 -7.26
C ARG B 22 5.93 -9.19 -6.39
N LEU B 23 6.09 -9.13 -5.07
CA LEU B 23 5.03 -8.69 -4.12
C LEU B 23 4.89 -7.17 -4.15
N ILE B 24 3.70 -6.68 -3.78
CA ILE B 24 3.34 -5.24 -3.60
C ILE B 24 2.81 -5.07 -2.18
N LEU B 25 3.63 -4.52 -1.29
CA LEU B 25 3.18 -4.26 0.10
C LEU B 25 2.30 -3.00 0.07
N SER B 26 1.25 -3.00 0.87
CA SER B 26 0.37 -1.82 1.05
C SER B 26 1.24 -0.66 1.56
N LEU B 27 0.70 0.54 1.50
CA LEU B 27 1.43 1.79 1.81
C LEU B 27 1.85 1.78 3.29
N ASP B 28 0.98 1.27 4.16
CA ASP B 28 1.15 1.24 5.64
C ASP B 28 1.80 -0.09 6.08
N LEU B 29 2.21 -0.94 5.15
CA LEU B 29 2.98 -2.17 5.47
C LEU B 29 2.14 -3.10 6.35
N LYS B 30 0.83 -3.16 6.10
CA LYS B 30 -0.10 -4.16 6.68
C LYS B 30 -0.49 -5.19 5.61
N GLY B 31 -0.67 -4.75 4.36
CA GLY B 31 -1.17 -5.57 3.24
C GLY B 31 -0.06 -6.13 2.37
N VAL B 32 -0.37 -7.17 1.60
CA VAL B 32 0.55 -7.80 0.59
C VAL B 32 -0.31 -8.49 -0.47
N ARG B 33 0.12 -8.41 -1.73
CA ARG B 33 -0.48 -9.18 -2.87
C ARG B 33 0.56 -9.26 -3.98
N LEU B 34 0.36 -10.16 -4.93
CA LEU B 34 1.33 -10.45 -6.01
C LEU B 34 1.18 -9.42 -7.15
N GLY B 35 2.25 -8.71 -7.48
CA GLY B 35 2.36 -7.88 -8.69
C GLY B 35 2.40 -8.74 -9.94
N GLU B 36 2.50 -8.08 -11.10
CA GLU B 36 2.55 -8.75 -12.43
C GLU B 36 4.02 -8.82 -12.86
N ARG B 37 4.76 -7.71 -12.76
CA ARG B 37 6.24 -7.66 -12.96
C ARG B 37 6.88 -7.65 -11.57
N ALA B 38 8.20 -7.64 -11.55
CA ALA B 38 9.04 -7.61 -10.33
C ALA B 38 9.55 -6.17 -10.13
N GLN B 39 9.40 -5.62 -8.93
CA GLN B 39 10.09 -4.36 -8.56
C GLN B 39 11.60 -4.63 -8.58
N ASP B 40 12.42 -3.59 -8.46
CA ASP B 40 13.87 -3.59 -8.83
C ASP B 40 14.75 -3.56 -7.58
N LEU B 41 14.26 -4.12 -6.46
CA LEU B 41 14.65 -3.72 -5.07
C LEU B 41 16.07 -4.19 -4.75
N PRO B 42 16.79 -3.51 -3.81
CA PRO B 42 18.20 -3.84 -3.53
C PRO B 42 18.48 -5.17 -2.82
N ASN B 43 18.71 -6.26 -3.56
CA ASN B 43 18.79 -7.65 -3.03
C ASN B 43 19.68 -7.68 -1.78
N HIS B 44 19.04 -7.77 -0.59
CA HIS B 44 19.68 -8.05 0.72
C HIS B 44 19.74 -9.56 0.97
N PRO B 45 20.66 -10.06 1.83
CA PRO B 45 20.69 -11.47 2.16
C PRO B 45 19.46 -11.90 2.98
N CYS B 46 18.60 -10.96 3.35
CA CYS B 46 17.39 -11.22 4.17
C CYS B 46 16.13 -11.32 3.29
N ARG B 47 16.20 -10.85 2.03
CA ARG B 47 15.02 -10.81 1.11
C ARG B 47 14.81 -12.21 0.51
N PHE B 48 13.57 -12.70 0.53
CA PHE B 48 13.12 -13.88 -0.26
C PHE B 48 13.20 -13.56 -1.74
N ASP B 49 14.10 -14.24 -2.46
CA ASP B 49 14.46 -13.87 -3.86
C ASP B 49 13.57 -14.61 -4.86
N THR B 50 12.98 -15.74 -4.45
CA THR B 50 12.29 -16.68 -5.36
C THR B 50 10.89 -17.00 -4.83
N ASN B 51 10.76 -17.44 -3.60
CA ASN B 51 9.43 -17.70 -2.98
C ASN B 51 8.78 -16.35 -2.65
N THR B 52 7.45 -16.35 -2.66
CA THR B 52 6.62 -15.12 -2.73
C THR B 52 6.20 -14.82 -1.30
N ARG B 53 7.21 -14.60 -0.47
CA ARG B 53 7.08 -14.55 1.01
C ARG B 53 7.60 -13.21 1.51
N VAL B 54 7.14 -12.84 2.69
CA VAL B 54 7.52 -11.60 3.41
C VAL B 54 7.37 -11.97 4.89
N LEU B 55 8.18 -11.41 5.76
CA LEU B 55 8.00 -11.67 7.21
C LEU B 55 7.40 -10.39 7.83
N ALA B 56 7.05 -10.46 9.11
CA ALA B 56 6.80 -9.26 9.92
C ALA B 56 8.15 -8.67 10.32
N SER B 57 8.14 -7.35 10.60
CA SER B 57 9.20 -6.52 11.21
C SER B 57 9.82 -7.21 12.43
N CYS B 58 8.98 -7.61 13.39
CA CYS B 58 9.39 -8.08 14.73
C CYS B 58 9.14 -9.58 14.86
N GLY B 59 10.12 -10.32 15.43
CA GLY B 59 10.00 -11.75 15.79
C GLY B 59 9.87 -11.92 17.29
N PHE B 60 9.41 -13.07 17.75
CA PHE B 60 9.24 -13.36 19.20
C PHE B 60 10.19 -14.51 19.58
N SER B 61 10.83 -14.41 20.74
CA SER B 61 11.68 -15.49 21.32
C SER B 61 11.05 -16.03 22.62
N SER B 62 10.06 -15.32 23.17
CA SER B 62 9.35 -15.73 24.41
C SER B 62 7.97 -15.08 24.51
N GLY B 63 7.03 -15.81 25.11
CA GLY B 63 5.70 -15.28 25.47
C GLY B 63 4.62 -15.89 24.61
N ARG B 64 3.37 -15.50 24.86
CA ARG B 64 2.22 -15.74 23.96
C ARG B 64 2.00 -14.44 23.20
N HIS B 65 1.66 -14.53 21.91
CA HIS B 65 1.47 -13.35 21.02
C HIS B 65 0.32 -13.60 20.04
N HIS B 66 -0.46 -12.54 19.81
CA HIS B 66 -1.87 -12.53 19.38
C HIS B 66 -1.98 -11.51 18.24
N TRP B 67 -1.94 -11.95 16.98
CA TRP B 67 -2.22 -11.06 15.82
C TRP B 67 -3.32 -11.63 14.91
N GLU B 68 -3.89 -10.75 14.09
CA GLU B 68 -5.07 -11.06 13.23
C GLU B 68 -4.72 -10.76 11.77
N VAL B 69 -5.36 -11.50 10.87
CA VAL B 69 -5.02 -11.57 9.42
C VAL B 69 -6.32 -11.62 8.61
N GLU B 70 -6.56 -10.56 7.82
CA GLU B 70 -7.66 -10.47 6.82
C GLU B 70 -7.23 -11.25 5.58
N VAL B 71 -7.99 -12.25 5.16
CA VAL B 71 -7.58 -13.14 4.04
C VAL B 71 -8.57 -12.99 2.89
N GLY B 72 -8.06 -12.93 1.66
CA GLY B 72 -8.86 -12.95 0.41
C GLY B 72 -9.74 -14.19 0.30
N SER B 73 -10.54 -14.27 -0.77
CA SER B 73 -11.46 -15.40 -1.07
C SER B 73 -10.87 -16.29 -2.18
N LYS B 74 -9.94 -15.75 -2.97
CA LYS B 74 -9.33 -16.46 -4.12
C LYS B 74 -8.04 -17.16 -3.64
N ASP B 75 -7.67 -18.27 -4.30
CA ASP B 75 -6.51 -19.13 -3.98
C ASP B 75 -5.19 -18.37 -4.02
N GLY B 76 -4.18 -18.90 -3.31
CA GLY B 76 -2.76 -18.55 -3.49
C GLY B 76 -2.13 -17.93 -2.26
N TRP B 77 -2.86 -17.77 -1.17
CA TRP B 77 -2.23 -17.22 0.06
C TRP B 77 -1.94 -18.40 0.99
N ALA B 78 -0.82 -18.28 1.69
CA ALA B 78 -0.49 -19.05 2.90
C ALA B 78 0.05 -18.06 3.93
N PHE B 79 -0.16 -18.31 5.21
CA PHE B 79 0.40 -17.45 6.29
C PHE B 79 0.45 -18.21 7.62
N GLY B 80 1.30 -17.72 8.51
CA GLY B 80 1.47 -18.27 9.86
C GLY B 80 2.72 -17.69 10.45
N VAL B 81 3.60 -18.56 10.95
CA VAL B 81 4.94 -18.20 11.52
C VAL B 81 6.06 -18.98 10.81
N ALA B 82 7.28 -18.44 10.87
CA ALA B 82 8.52 -19.11 10.40
C ALA B 82 9.67 -18.85 11.39
N ARG B 83 10.46 -19.88 11.69
CA ARG B 83 11.72 -19.73 12.45
C ARG B 83 12.61 -18.78 11.63
N GLU B 84 13.20 -17.77 12.30
CA GLU B 84 14.14 -16.76 11.75
C GLU B 84 15.05 -17.40 10.69
N SER B 85 15.58 -18.61 10.89
CA SER B 85 16.57 -19.24 9.98
C SER B 85 15.96 -19.76 8.67
N VAL B 86 14.64 -19.66 8.46
CA VAL B 86 13.94 -20.03 7.18
C VAL B 86 14.80 -19.54 6.00
N ARG B 87 15.12 -20.41 5.03
CA ARG B 87 15.99 -20.08 3.87
C ARG B 87 15.28 -19.10 2.92
N ARG B 88 16.01 -18.07 2.48
CA ARG B 88 15.50 -16.89 1.72
C ARG B 88 15.90 -16.96 0.24
N LYS B 89 17.04 -17.60 -0.03
CA LYS B 89 17.71 -17.61 -1.36
C LYS B 89 17.35 -18.89 -2.11
N GLY B 90 17.01 -18.76 -3.39
CA GLY B 90 16.60 -19.89 -4.23
C GLY B 90 15.20 -20.36 -3.90
N LEU B 91 14.75 -21.35 -4.68
CA LEU B 91 13.45 -22.05 -4.50
C LEU B 91 13.55 -22.99 -3.31
N THR B 92 12.73 -22.71 -2.29
CA THR B 92 12.66 -23.39 -0.97
C THR B 92 11.31 -24.11 -0.92
N PRO B 93 11.20 -25.36 -0.38
CA PRO B 93 9.91 -25.97 -0.13
C PRO B 93 9.17 -25.19 0.98
N PHE B 94 7.85 -25.38 1.03
CA PHE B 94 6.90 -24.70 1.95
C PHE B 94 6.36 -25.75 2.91
N THR B 95 7.12 -26.05 3.95
CA THR B 95 6.85 -27.21 4.83
C THR B 95 7.43 -26.92 6.22
N PRO B 96 6.93 -27.55 7.30
CA PRO B 96 7.53 -27.41 8.62
C PRO B 96 9.01 -27.78 8.72
N GLU B 97 9.51 -28.76 7.92
CA GLU B 97 10.94 -29.16 7.93
C GLU B 97 11.81 -27.97 7.54
N GLU B 98 11.23 -27.04 6.77
CA GLU B 98 11.89 -25.82 6.25
C GLU B 98 11.58 -24.64 7.18
N GLY B 99 10.78 -24.88 8.22
CA GLY B 99 10.60 -23.92 9.34
C GLY B 99 9.45 -22.98 9.08
N VAL B 100 8.34 -23.51 8.55
CA VAL B 100 7.12 -22.75 8.16
C VAL B 100 5.92 -23.53 8.67
N TRP B 101 5.13 -22.89 9.53
CA TRP B 101 3.86 -23.46 10.05
C TRP B 101 2.73 -22.51 9.71
N ALA B 102 1.97 -22.83 8.66
CA ALA B 102 1.03 -21.91 7.99
C ALA B 102 -0.31 -22.59 7.69
N LEU B 103 -1.31 -21.76 7.39
CA LEU B 103 -2.60 -22.13 6.78
C LEU B 103 -2.57 -21.72 5.31
N GLN B 104 -3.25 -22.46 4.44
CA GLN B 104 -3.16 -22.31 2.97
C GLN B 104 -4.56 -22.45 2.36
N LEU B 105 -4.93 -21.50 1.48
CA LEU B 105 -6.07 -21.63 0.54
C LEU B 105 -5.57 -22.09 -0.83
N ASN B 106 -6.03 -23.24 -1.28
CA ASN B 106 -5.60 -23.89 -2.54
C ASN B 106 -6.69 -24.84 -3.04
N GLY B 107 -7.16 -24.66 -4.28
CA GLY B 107 -8.25 -25.46 -4.90
C GLY B 107 -9.58 -25.25 -4.17
N GLY B 108 -9.85 -24.02 -3.75
CA GLY B 108 -11.00 -23.65 -2.91
C GLY B 108 -11.08 -24.46 -1.62
N GLN B 109 -9.94 -24.84 -1.05
CA GLN B 109 -9.87 -25.62 0.22
C GLN B 109 -8.82 -25.02 1.16
N TYR B 110 -9.17 -24.92 2.44
CA TYR B 110 -8.29 -24.44 3.51
C TYR B 110 -7.48 -25.61 4.05
N TRP B 111 -6.17 -25.44 4.12
CA TRP B 111 -5.22 -26.48 4.56
C TRP B 111 -4.31 -25.90 5.63
N ALA B 112 -4.04 -26.69 6.66
CA ALA B 112 -2.81 -26.60 7.48
C ALA B 112 -1.72 -27.31 6.68
N VAL B 113 -0.58 -26.63 6.43
CA VAL B 113 0.50 -27.14 5.56
C VAL B 113 1.46 -27.98 6.40
N THR B 114 1.04 -29.23 6.58
CA THR B 114 1.78 -30.36 7.19
C THR B 114 2.50 -31.10 6.05
N SER B 115 3.28 -32.14 6.35
CA SER B 115 3.90 -33.04 5.34
C SER B 115 4.03 -34.46 5.87
N PRO B 116 4.18 -35.48 5.01
CA PRO B 116 4.17 -35.31 3.54
C PRO B 116 2.82 -34.90 2.94
N GLU B 117 1.70 -35.33 3.55
CA GLU B 117 0.31 -34.95 3.18
C GLU B 117 -0.02 -33.61 3.88
N ARG B 118 -0.79 -32.74 3.23
CA ARG B 118 -1.37 -31.53 3.87
C ARG B 118 -2.71 -31.87 4.55
N SER B 119 -2.94 -31.36 5.76
CA SER B 119 -4.20 -31.49 6.52
C SER B 119 -5.25 -30.52 5.99
N PRO B 120 -6.36 -31.00 5.39
CA PRO B 120 -7.50 -30.15 5.07
C PRO B 120 -8.36 -29.84 6.30
N LEU B 121 -8.75 -28.58 6.46
CA LEU B 121 -9.74 -28.17 7.47
C LEU B 121 -11.12 -28.26 6.85
N SER B 122 -12.13 -28.54 7.65
CA SER B 122 -13.54 -28.24 7.30
C SER B 122 -13.93 -27.14 8.27
N CYS B 123 -14.06 -25.91 7.76
CA CYS B 123 -14.36 -24.70 8.57
C CYS B 123 -15.17 -23.68 7.77
N GLY B 124 -15.67 -24.04 6.58
CA GLY B 124 -16.35 -23.10 5.64
C GLY B 124 -15.52 -21.84 5.43
N HIS B 125 -16.15 -20.74 4.95
CA HIS B 125 -15.47 -19.49 4.52
C HIS B 125 -14.83 -18.76 5.70
N LEU B 126 -13.58 -18.29 5.53
CA LEU B 126 -12.81 -17.45 6.50
C LEU B 126 -12.61 -16.07 5.88
N SER B 127 -12.84 -15.03 6.68
CA SER B 127 -12.55 -13.61 6.31
CA SER B 127 -12.56 -13.60 6.33
C SER B 127 -11.33 -13.14 7.11
N ARG B 128 -11.40 -13.31 8.43
CA ARG B 128 -10.38 -12.86 9.42
C ARG B 128 -10.00 -14.05 10.31
N VAL B 129 -8.76 -14.08 10.81
CA VAL B 129 -8.14 -15.26 11.47
C VAL B 129 -7.20 -14.77 12.58
N ARG B 130 -7.44 -15.15 13.83
CA ARG B 130 -6.48 -14.87 14.93
C ARG B 130 -5.39 -15.95 14.88
N VAL B 131 -4.12 -15.51 14.90
CA VAL B 131 -2.91 -16.37 15.04
C VAL B 131 -2.35 -16.19 16.46
N ALA B 132 -2.26 -17.29 17.21
CA ALA B 132 -1.79 -17.32 18.62
C ALA B 132 -0.49 -18.10 18.66
N LEU B 133 0.63 -17.40 18.77
CA LEU B 133 1.96 -18.01 18.94
C LEU B 133 2.24 -18.08 20.44
N ASP B 134 2.38 -19.30 20.95
CA ASP B 134 2.76 -19.60 22.35
C ASP B 134 4.12 -20.29 22.31
N LEU B 135 5.17 -19.57 22.69
CA LEU B 135 6.57 -20.07 22.68
C LEU B 135 6.88 -20.83 23.98
N GLU B 136 6.16 -20.53 25.06
CA GLU B 136 6.32 -21.21 26.37
C GLU B 136 5.71 -22.62 26.29
N VAL B 137 4.61 -22.81 25.54
CA VAL B 137 3.88 -24.12 25.46
C VAL B 137 4.45 -24.95 24.31
N GLY B 138 4.85 -24.27 23.22
CA GLY B 138 5.42 -24.89 22.01
C GLY B 138 4.35 -25.16 20.98
N ALA B 139 3.50 -24.17 20.73
CA ALA B 139 2.46 -24.26 19.67
C ALA B 139 2.15 -22.90 19.07
N VAL B 140 1.76 -22.91 17.79
CA VAL B 140 1.09 -21.77 17.10
C VAL B 140 -0.33 -22.24 16.74
N SER B 141 -1.35 -21.49 17.17
CA SER B 141 -2.77 -21.84 17.00
C SER B 141 -3.44 -20.83 16.06
N PHE B 142 -4.43 -21.28 15.30
CA PHE B 142 -5.18 -20.52 14.27
C PHE B 142 -6.67 -20.62 14.59
N TYR B 143 -7.34 -19.48 14.77
CA TYR B 143 -8.77 -19.33 15.14
C TYR B 143 -9.47 -18.37 14.16
N ALA B 144 -10.75 -18.62 13.85
CA ALA B 144 -11.63 -17.75 13.04
C ALA B 144 -12.36 -16.75 13.96
N VAL B 145 -12.00 -15.46 13.88
CA VAL B 145 -12.43 -14.39 14.85
C VAL B 145 -13.94 -14.51 15.14
N GLU B 146 -14.74 -14.72 14.08
CA GLU B 146 -16.22 -14.80 14.10
C GLU B 146 -16.67 -15.37 15.45
N ASP B 147 -16.64 -16.71 15.60
CA ASP B 147 -17.09 -17.44 16.82
C ASP B 147 -15.87 -17.88 17.64
N MET B 148 -14.67 -17.47 17.24
CA MET B 148 -13.36 -17.97 17.75
C MET B 148 -13.33 -19.51 17.73
N ARG B 149 -13.82 -20.11 16.64
CA ARG B 149 -13.66 -21.54 16.33
C ARG B 149 -12.16 -21.83 16.12
N HIS B 150 -11.64 -22.81 16.86
CA HIS B 150 -10.28 -23.39 16.64
C HIS B 150 -10.21 -24.00 15.25
N LEU B 151 -9.20 -23.62 14.45
CA LEU B 151 -8.97 -24.20 13.10
C LEU B 151 -7.86 -25.26 13.18
N TYR B 152 -6.72 -24.91 13.79
CA TYR B 152 -5.54 -25.79 13.82
C TYR B 152 -4.55 -25.28 14.86
N THR B 153 -3.87 -26.21 15.53
CA THR B 153 -2.67 -25.93 16.33
C THR B 153 -1.56 -26.84 15.83
N PHE B 154 -0.46 -26.24 15.39
CA PHE B 154 0.86 -26.90 15.22
C PHE B 154 1.50 -26.95 16.60
N ARG B 155 1.80 -28.14 17.11
CA ARG B 155 2.63 -28.29 18.33
C ARG B 155 4.07 -28.37 17.83
N VAL B 156 4.94 -27.47 18.31
CA VAL B 156 6.35 -27.36 17.81
C VAL B 156 7.25 -26.92 18.96
N ASN B 157 8.36 -27.64 19.20
CA ASN B 157 9.47 -27.16 20.05
C ASN B 157 10.29 -26.15 19.23
N PHE B 158 9.89 -24.87 19.31
CA PHE B 158 10.60 -23.70 18.76
C PHE B 158 11.94 -23.56 19.51
N GLN B 159 13.02 -23.21 18.81
CA GLN B 159 14.34 -23.04 19.43
C GLN B 159 15.05 -21.84 18.80
N GLU B 160 14.29 -20.84 18.33
CA GLU B 160 14.84 -19.53 17.85
C GLU B 160 13.73 -18.47 17.88
N ARG B 161 14.08 -17.23 17.52
CA ARG B 161 13.11 -16.14 17.26
C ARG B 161 12.16 -16.63 16.16
N VAL B 162 10.87 -16.47 16.37
CA VAL B 162 9.80 -16.94 15.44
C VAL B 162 9.11 -15.71 14.86
N PHE B 163 9.19 -15.53 13.53
CA PHE B 163 8.64 -14.38 12.79
C PHE B 163 7.32 -14.74 12.13
N PRO B 164 6.29 -13.86 12.27
CA PRO B 164 5.13 -13.93 11.40
C PRO B 164 5.53 -14.00 9.92
N LEU B 165 4.78 -14.80 9.15
CA LEU B 165 5.03 -15.07 7.71
C LEU B 165 3.75 -14.82 6.93
N PHE B 166 3.92 -14.34 5.70
CA PHE B 166 2.85 -14.16 4.69
C PHE B 166 3.40 -14.55 3.33
N SER B 167 2.62 -15.30 2.53
CA SER B 167 2.96 -15.68 1.14
C SER B 167 1.74 -15.54 0.23
N VAL B 168 1.94 -14.98 -0.98
CA VAL B 168 0.90 -14.83 -2.06
C VAL B 168 1.53 -15.27 -3.39
N CYS B 169 1.17 -16.46 -3.90
CA CYS B 169 1.83 -17.07 -5.09
C CYS B 169 0.97 -16.92 -6.34
N SER B 170 -0.19 -16.28 -6.23
CA SER B 170 -1.11 -15.97 -7.36
C SER B 170 -1.58 -14.52 -7.24
N THR B 171 -2.00 -13.91 -8.34
CA THR B 171 -2.55 -12.52 -8.39
C THR B 171 -4.01 -12.55 -7.88
N GLY B 172 -4.59 -11.39 -7.58
CA GLY B 172 -6.01 -11.21 -7.25
C GLY B 172 -6.44 -11.95 -5.99
N THR B 173 -5.52 -12.11 -5.03
CA THR B 173 -5.85 -12.43 -3.63
C THR B 173 -4.90 -11.61 -2.75
N TYR B 174 -5.12 -11.57 -1.43
CA TYR B 174 -4.32 -10.75 -0.50
C TYR B 174 -4.38 -11.26 0.94
N LEU B 175 -3.47 -10.72 1.75
CA LEU B 175 -3.44 -10.87 3.22
C LEU B 175 -3.20 -9.48 3.80
N ARG B 176 -3.93 -9.11 4.86
CA ARG B 176 -3.75 -7.83 5.58
C ARG B 176 -3.67 -8.14 7.08
N ILE B 177 -2.75 -7.50 7.79
CA ILE B 177 -2.63 -7.55 9.27
C ILE B 177 -3.82 -6.76 9.87
N TRP B 178 -4.12 -6.88 11.17
CA TRP B 178 -5.07 -6.01 11.90
C TRP B 178 -4.42 -5.43 13.16
N GLU C 2 -10.61 22.14 10.90
CA GLU C 2 -9.18 22.49 10.70
C GLU C 2 -8.49 21.49 9.73
N ALA C 3 -8.74 20.17 9.79
CA ALA C 3 -8.01 19.13 8.98
C ALA C 3 -7.94 19.54 7.49
N LEU C 4 -9.10 19.79 6.89
CA LEU C 4 -9.27 20.14 5.46
C LEU C 4 -8.63 21.50 5.16
N GLU C 5 -8.53 22.38 6.15
CA GLU C 5 -7.90 23.72 6.00
C GLU C 5 -6.43 23.55 5.56
N PHE C 6 -5.86 22.36 5.76
CA PHE C 6 -4.43 22.06 5.47
C PHE C 6 -4.22 21.52 4.06
N GLN C 7 -5.28 21.30 3.25
CA GLN C 7 -5.15 20.79 1.85
C GLN C 7 -4.07 21.59 1.11
N LEU D 1 7.21 -23.83 -14.83
CA LEU D 1 7.05 -24.01 -13.34
C LEU D 1 5.72 -23.37 -12.88
N GLU D 2 4.99 -24.03 -11.97
CA GLU D 2 3.60 -23.62 -11.56
C GLU D 2 3.63 -22.68 -10.35
N ALA D 3 2.68 -21.74 -10.27
CA ALA D 3 2.56 -20.70 -9.22
C ALA D 3 2.76 -21.25 -7.79
N LEU D 4 2.12 -22.39 -7.47
CA LEU D 4 2.07 -22.98 -6.11
C LEU D 4 3.50 -23.24 -5.62
N GLU D 5 4.38 -23.68 -6.52
CA GLU D 5 5.75 -24.11 -6.13
C GLU D 5 6.54 -22.97 -5.50
N PHE D 6 6.11 -21.71 -5.67
CA PHE D 6 6.81 -20.50 -5.16
C PHE D 6 6.19 -20.04 -3.84
N GLN D 7 5.29 -20.84 -3.22
CA GLN D 7 4.56 -20.42 -1.99
C GLN D 7 5.56 -20.11 -0.86
#